data_1V03
#
_entry.id   1V03
#
_cell.length_a   195.490
_cell.length_b   195.490
_cell.length_c   195.490
_cell.angle_alpha   90.00
_cell.angle_beta   90.00
_cell.angle_gamma   90.00
#
_symmetry.space_group_name_H-M   'P 41 3 2'
#
loop_
_entity.id
_entity.type
_entity.pdbx_description
1 polymer DHURRINASE
2 non-polymer beta-D-glucopyranose
3 non-polymer ACETONITRILE
4 non-polymer PHENOL
5 water water
#
_entity_poly.entity_id   1
_entity_poly.type   'polypeptide(L)'
_entity_poly.pdbx_seq_one_letter_code
;MALLLASAINHTAHPAGLRSHPNNESFSRHHLCSSPQNISKRRSNLSFRPRAQTISSESAGIHRLSPWEIPRRDWFPPSF
LFGAATSAYQIEGAWNEDGKGPSTWDHFCHNFPEWIVDRSNGDVAADSYHMYAEDVRLLKEMGMDAYRFSISWPRILPKG
TLAGGINEKGVEYYNKLIDLLLENGIEPYITIFHWDTPQALVEAYGGFLDERIIKDYTDFAKVCFEKFGKTVKNWLTFND
PETFCSVSYGTGVLAPGRCSPGVSCAVPTGNSLSEPYIVAHNLLRAHAETVDIYNKYHKGADGRIGLALNVFGRVPYTNT
FLDQQAQERSMDKCLGWFLEPVVRGDYPFSMRVSARDRVPYFKEKEQEKLVGSYDMIGINYYTSTFSKHIDLSPNNSPVL
NTDDAYASQETKGPDGNAIGPPTGNAWINMYPKGLHDILMTMKNKYGNPPMYITENGMGDIDKGDLPKPVALEDHTRLDY
IQRHLSVLKQSIDLGADVRGYFAWSLLDNFEWSSGYTERFGIVYVDRENGCERTMKRSARWLQEFNGAAKKVENNKILTP
AGQLN
;
_entity_poly.pdbx_strand_id   A
#
loop_
_chem_comp.id
_chem_comp.type
_chem_comp.name
_chem_comp.formula
BGC D-saccharide, beta linking beta-D-glucopyranose 'C6 H12 O6'
CCN non-polymer ACETONITRILE 'C2 H3 N'
IPH non-polymer PHENOL 'C6 H6 O'
#
# COMPACT_ATOMS: atom_id res chain seq x y z
N ILE A 62 -22.09 -18.44 -0.16
CA ILE A 62 -21.87 -16.98 0.16
C ILE A 62 -23.07 -16.09 -0.19
N HIS A 63 -23.41 -15.19 0.71
CA HIS A 63 -24.62 -14.41 0.50
C HIS A 63 -24.35 -13.11 -0.24
N ARG A 64 -24.93 -13.00 -1.42
CA ARG A 64 -24.69 -11.90 -2.35
C ARG A 64 -25.67 -10.74 -2.13
N LEU A 65 -25.31 -9.56 -2.60
CA LEU A 65 -26.24 -8.43 -2.55
C LEU A 65 -27.44 -8.72 -3.48
N SER A 66 -28.61 -8.26 -3.10
CA SER A 66 -29.76 -8.34 -4.01
C SER A 66 -29.49 -7.52 -5.28
N PRO A 67 -30.10 -7.89 -6.41
CA PRO A 67 -29.75 -7.25 -7.69
C PRO A 67 -29.89 -5.71 -7.67
N TRP A 68 -30.86 -5.18 -6.94
CA TRP A 68 -31.10 -3.74 -6.92
C TRP A 68 -30.14 -3.02 -5.96
N GLU A 69 -29.45 -3.79 -5.14
CA GLU A 69 -28.41 -3.24 -4.25
C GLU A 69 -26.99 -3.32 -4.85
N ILE A 70 -26.86 -3.84 -6.07
CA ILE A 70 -25.55 -3.96 -6.71
C ILE A 70 -25.22 -2.62 -7.32
N PRO A 71 -24.03 -2.07 -7.04
CA PRO A 71 -23.68 -0.73 -7.53
C PRO A 71 -23.70 -0.59 -9.03
N ARG A 72 -24.11 0.58 -9.51
CA ARG A 72 -24.08 0.89 -10.93
C ARG A 72 -23.14 2.06 -11.08
N ARG A 73 -22.56 2.25 -12.26
CA ARG A 73 -21.55 3.30 -12.40
C ARG A 73 -22.08 4.71 -12.06
N ASP A 74 -23.33 4.98 -12.38
CA ASP A 74 -23.76 6.34 -12.11
C ASP A 74 -24.23 6.56 -10.65
N TRP A 75 -24.01 5.56 -9.78
CA TRP A 75 -24.02 5.81 -8.33
C TRP A 75 -22.94 6.84 -8.01
N PHE A 76 -21.91 6.92 -8.87
CA PHE A 76 -20.73 7.75 -8.63
C PHE A 76 -20.68 8.86 -9.64
N PRO A 77 -20.11 10.00 -9.24
CA PRO A 77 -19.94 11.16 -10.13
C PRO A 77 -19.32 10.83 -11.45
N PRO A 78 -19.70 11.57 -12.49
CA PRO A 78 -19.09 11.45 -13.81
C PRO A 78 -17.58 11.53 -13.76
N SER A 79 -17.03 12.44 -12.96
CA SER A 79 -15.58 12.58 -12.87
C SER A 79 -14.85 11.52 -12.00
N PHE A 80 -15.58 10.71 -11.24
CA PHE A 80 -14.99 9.64 -10.41
C PHE A 80 -14.09 8.68 -11.22
N LEU A 81 -12.98 8.23 -10.61
CA LEU A 81 -12.07 7.32 -11.32
C LEU A 81 -12.21 5.89 -10.86
N PHE A 82 -12.23 4.95 -11.82
CA PHE A 82 -12.16 3.54 -11.47
C PHE A 82 -10.87 2.98 -12.06
N GLY A 83 -10.13 2.22 -11.28
CA GLY A 83 -8.82 1.75 -11.72
C GLY A 83 -8.42 0.45 -11.02
N ALA A 84 -7.16 0.09 -11.15
CA ALA A 84 -6.59 -1.06 -10.45
C ALA A 84 -5.17 -0.68 -10.17
N ALA A 85 -4.49 -1.48 -9.36
CA ALA A 85 -3.19 -1.11 -8.87
C ALA A 85 -2.26 -2.32 -8.81
N THR A 86 -0.95 -2.07 -8.95
CA THR A 86 0.10 -3.07 -8.76
C THR A 86 1.30 -2.36 -8.11
N SER A 87 2.37 -3.11 -7.87
CA SER A 87 3.65 -2.54 -7.48
C SER A 87 4.80 -3.23 -8.21
N ALA A 88 5.90 -2.52 -8.36
CA ALA A 88 7.05 -3.02 -9.13
C ALA A 88 7.54 -4.42 -8.76
N TYR A 89 7.96 -4.63 -7.52
CA TYR A 89 8.50 -5.92 -7.20
C TYR A 89 7.43 -7.03 -7.38
N GLN A 90 6.16 -6.71 -7.14
CA GLN A 90 5.15 -7.76 -7.16
C GLN A 90 4.78 -8.21 -8.57
N ILE A 91 5.00 -7.37 -9.58
CA ILE A 91 4.61 -7.76 -10.95
C ILE A 91 5.72 -7.81 -12.02
N GLU A 92 6.79 -7.02 -11.86
CA GLU A 92 7.73 -6.74 -12.98
C GLU A 92 8.57 -7.93 -13.43
N GLY A 93 9.11 -8.66 -12.45
CA GLY A 93 10.14 -9.66 -12.70
C GLY A 93 11.36 -9.02 -13.32
N ALA A 94 12.09 -9.77 -14.14
CA ALA A 94 13.28 -9.20 -14.81
C ALA A 94 14.15 -8.52 -13.77
N TRP A 95 14.50 -9.26 -12.73
CA TRP A 95 15.07 -8.71 -11.50
C TRP A 95 16.55 -8.36 -11.66
N ASN A 96 17.19 -8.97 -12.64
CA ASN A 96 18.62 -8.78 -12.93
C ASN A 96 18.85 -8.36 -14.39
N GLU A 97 17.84 -7.74 -15.01
CA GLU A 97 17.93 -7.43 -16.44
C GLU A 97 18.09 -5.95 -16.71
N ASP A 98 18.67 -5.65 -17.87
CA ASP A 98 18.85 -4.30 -18.37
C ASP A 98 19.50 -3.32 -17.39
N GLY A 99 20.44 -3.81 -16.60
CA GLY A 99 21.19 -2.93 -15.72
C GLY A 99 20.60 -2.70 -14.33
N LYS A 100 19.41 -3.28 -14.07
CA LYS A 100 18.76 -3.11 -12.77
C LYS A 100 19.56 -3.63 -11.60
N GLY A 101 19.73 -2.80 -10.56
CA GLY A 101 20.38 -3.26 -9.34
C GLY A 101 19.47 -4.06 -8.43
N PRO A 102 20.02 -4.80 -7.48
CA PRO A 102 19.22 -5.59 -6.56
C PRO A 102 18.50 -4.69 -5.52
N SER A 103 17.26 -5.03 -5.16
CA SER A 103 16.58 -4.31 -4.09
C SER A 103 16.67 -5.17 -2.87
N THR A 104 16.15 -4.65 -1.76
CA THR A 104 16.06 -5.45 -0.55
C THR A 104 15.21 -6.69 -0.80
N TRP A 105 14.24 -6.60 -1.69
CA TRP A 105 13.36 -7.76 -1.90
C TRP A 105 14.09 -8.90 -2.69
N ASP A 106 14.84 -8.54 -3.71
CA ASP A 106 15.82 -9.52 -4.27
C ASP A 106 16.68 -10.21 -3.23
N HIS A 107 17.31 -9.38 -2.40
CA HIS A 107 18.28 -9.85 -1.42
C HIS A 107 17.61 -10.75 -0.43
N PHE A 108 16.41 -10.36 0.00
CA PHE A 108 15.70 -11.14 0.99
C PHE A 108 15.28 -12.51 0.41
N CYS A 109 14.70 -12.50 -0.77
CA CYS A 109 14.23 -13.77 -1.34
C CYS A 109 15.43 -14.66 -1.65
N HIS A 110 16.51 -14.08 -2.13
CA HIS A 110 17.66 -14.90 -2.51
C HIS A 110 18.50 -15.44 -1.33
N ASN A 111 18.43 -14.77 -0.18
CA ASN A 111 19.17 -15.20 1.02
C ASN A 111 18.35 -15.91 2.07
N PHE A 112 17.04 -15.63 2.06
CA PHE A 112 16.15 -16.20 3.06
C PHE A 112 14.91 -16.81 2.42
N PRO A 113 15.11 -17.71 1.46
CA PRO A 113 13.97 -18.28 0.73
C PRO A 113 13.06 -19.00 1.69
N GLU A 114 13.58 -19.56 2.76
CA GLU A 114 12.75 -20.26 3.69
C GLU A 114 11.73 -19.31 4.40
N TRP A 115 11.89 -18.00 4.21
CA TRP A 115 10.99 -17.05 4.90
C TRP A 115 9.86 -16.61 3.98
N ILE A 116 9.78 -17.26 2.80
CA ILE A 116 8.62 -17.12 1.92
C ILE A 116 7.91 -18.46 1.98
N VAL A 117 6.60 -18.45 2.22
CA VAL A 117 5.93 -19.66 2.63
C VAL A 117 6.05 -20.81 1.60
N ASP A 118 6.13 -20.46 0.32
CA ASP A 118 6.25 -21.44 -0.73
C ASP A 118 7.63 -21.36 -1.38
N ARG A 119 8.60 -20.76 -0.68
CA ARG A 119 9.97 -20.71 -1.15
C ARG A 119 10.02 -20.09 -2.52
N SER A 120 9.15 -19.12 -2.80
CA SER A 120 9.15 -18.46 -4.13
C SER A 120 9.75 -17.08 -4.10
N ASN A 121 9.80 -16.39 -5.25
CA ASN A 121 10.33 -15.04 -5.29
C ASN A 121 9.75 -14.24 -6.42
N GLY A 122 10.20 -12.99 -6.56
CA GLY A 122 9.77 -12.11 -7.64
C GLY A 122 10.74 -12.05 -8.84
N ASP A 123 11.57 -13.10 -9.02
CA ASP A 123 12.50 -13.04 -10.19
C ASP A 123 11.73 -12.79 -11.49
N VAL A 124 10.55 -13.42 -11.62
CA VAL A 124 9.69 -13.25 -12.80
C VAL A 124 8.35 -12.56 -12.48
N ALA A 125 7.73 -13.00 -11.38
CA ALA A 125 6.48 -12.42 -10.92
C ALA A 125 5.42 -12.53 -12.01
N ALA A 126 4.88 -11.40 -12.45
CA ALA A 126 3.88 -11.45 -13.50
C ALA A 126 4.55 -11.15 -14.82
N ASP A 127 5.88 -11.10 -14.81
CA ASP A 127 6.62 -10.86 -16.04
C ASP A 127 6.19 -9.57 -16.73
N SER A 128 5.70 -8.59 -15.96
CA SER A 128 5.25 -7.29 -16.53
C SER A 128 6.32 -6.38 -17.12
N TYR A 129 7.58 -6.60 -16.78
CA TYR A 129 8.60 -5.82 -17.47
C TYR A 129 8.47 -6.15 -19.00
N HIS A 130 8.34 -7.43 -19.30
CA HIS A 130 8.16 -7.84 -20.69
C HIS A 130 6.73 -7.77 -21.19
N MET A 131 5.77 -8.14 -20.34
CA MET A 131 4.37 -8.23 -20.78
C MET A 131 3.50 -7.01 -20.49
N TYR A 132 4.11 -5.86 -20.28
CA TYR A 132 3.36 -4.67 -19.86
C TYR A 132 2.29 -4.22 -20.84
N ALA A 133 2.42 -4.61 -22.10
CA ALA A 133 1.45 -4.16 -23.10
C ALA A 133 0.15 -4.94 -22.91
N GLU A 134 0.29 -6.15 -22.39
CA GLU A 134 -0.91 -6.91 -22.05
C GLU A 134 -1.61 -6.28 -20.84
N ASP A 135 -0.81 -5.88 -19.84
CA ASP A 135 -1.37 -5.13 -18.71
C ASP A 135 -2.27 -3.98 -19.21
N VAL A 136 -1.76 -3.16 -20.12
CA VAL A 136 -2.50 -2.00 -20.60
C VAL A 136 -3.73 -2.38 -21.40
N ARG A 137 -3.61 -3.44 -22.20
CA ARG A 137 -4.74 -3.94 -22.97
C ARG A 137 -5.88 -4.28 -22.00
N LEU A 138 -5.57 -5.01 -20.94
CA LEU A 138 -6.63 -5.43 -20.05
C LEU A 138 -7.30 -4.21 -19.40
N LEU A 139 -6.51 -3.21 -19.02
CA LEU A 139 -7.09 -2.01 -18.39
C LEU A 139 -8.06 -1.31 -19.33
N LYS A 140 -7.66 -1.20 -20.60
CA LYS A 140 -8.51 -0.58 -21.62
C LYS A 140 -9.80 -1.37 -21.84
N GLU A 141 -9.70 -2.67 -22.04
CA GLU A 141 -10.92 -3.47 -22.26
C GLU A 141 -11.88 -3.40 -21.10
N MET A 142 -11.34 -3.27 -19.88
CA MET A 142 -12.20 -3.14 -18.71
C MET A 142 -12.82 -1.75 -18.57
N GLY A 143 -12.35 -0.80 -19.35
CA GLY A 143 -12.90 0.54 -19.26
C GLY A 143 -12.36 1.36 -18.07
N MET A 144 -11.21 0.97 -17.52
CA MET A 144 -10.63 1.68 -16.38
C MET A 144 -10.22 3.11 -16.78
N ASP A 145 -10.41 4.07 -15.87
CA ASP A 145 -9.95 5.45 -16.08
C ASP A 145 -8.49 5.68 -15.70
N ALA A 146 -7.93 4.80 -14.86
CA ALA A 146 -6.65 5.11 -14.27
C ALA A 146 -5.95 3.84 -13.83
N TYR A 147 -4.67 3.95 -13.59
CA TYR A 147 -3.86 2.81 -13.22
C TYR A 147 -2.82 3.27 -12.24
N ARG A 148 -2.72 2.61 -11.10
CA ARG A 148 -1.64 2.87 -10.15
C ARG A 148 -0.56 1.83 -10.31
N PHE A 149 0.65 2.24 -10.65
CA PHE A 149 1.79 1.35 -10.64
C PHE A 149 2.93 2.04 -9.93
N SER A 150 3.93 1.29 -9.50
CA SER A 150 5.07 1.88 -8.83
C SER A 150 6.35 1.80 -9.67
N ILE A 151 7.27 2.73 -9.42
CA ILE A 151 8.61 2.72 -10.01
C ILE A 151 9.63 2.01 -9.12
N SER A 152 10.45 1.16 -9.74
CA SER A 152 11.49 0.44 -9.05
C SER A 152 12.74 1.28 -8.88
N TRP A 153 13.00 1.70 -7.65
CA TRP A 153 14.14 2.56 -7.37
C TRP A 153 15.42 2.01 -8.03
N PRO A 154 15.81 0.77 -7.74
CA PRO A 154 17.07 0.22 -8.29
C PRO A 154 17.00 -0.12 -9.78
N ARG A 155 15.82 -0.04 -10.39
CA ARG A 155 15.73 -0.13 -11.85
C ARG A 155 16.08 1.23 -12.48
N ILE A 156 15.89 2.31 -11.73
CA ILE A 156 16.22 3.64 -12.22
C ILE A 156 17.63 4.12 -11.79
N LEU A 157 18.05 3.71 -10.60
CA LEU A 157 19.36 4.03 -10.04
C LEU A 157 19.90 2.79 -9.40
N PRO A 158 20.57 1.95 -10.20
CA PRO A 158 20.99 0.63 -9.75
C PRO A 158 21.80 0.65 -8.48
N LYS A 159 22.55 1.71 -8.24
CA LYS A 159 23.32 1.81 -7.00
C LYS A 159 22.58 2.65 -5.94
N GLY A 160 21.38 3.12 -6.29
CA GLY A 160 20.53 3.87 -5.37
C GLY A 160 20.76 5.35 -5.42
N THR A 161 21.94 5.73 -5.89
CA THR A 161 22.37 7.15 -5.88
C THR A 161 22.40 7.75 -7.25
N LEU A 162 22.26 9.06 -7.31
CA LEU A 162 22.50 9.78 -8.53
C LEU A 162 23.93 9.50 -9.03
N ALA A 163 24.90 9.48 -8.12
CA ALA A 163 26.30 9.32 -8.51
C ALA A 163 26.61 7.95 -9.12
N GLY A 164 25.76 6.95 -8.85
CA GLY A 164 26.00 5.65 -9.41
C GLY A 164 25.50 5.55 -10.83
N GLY A 165 24.76 6.57 -11.29
CA GLY A 165 24.24 6.63 -12.64
C GLY A 165 22.76 6.29 -12.80
N ILE A 166 22.11 7.00 -13.71
CA ILE A 166 20.75 6.70 -14.13
C ILE A 166 20.76 5.61 -15.21
N ASN A 167 20.03 4.52 -14.95
CA ASN A 167 19.89 3.39 -15.87
C ASN A 167 18.87 3.69 -16.95
N GLU A 168 19.33 4.15 -18.13
CA GLU A 168 18.42 4.61 -19.18
C GLU A 168 17.43 3.52 -19.69
N LYS A 169 17.84 2.25 -19.66
CA LYS A 169 16.94 1.16 -20.03
C LYS A 169 15.78 1.09 -19.04
N GLY A 170 16.10 1.26 -17.75
CA GLY A 170 15.08 1.37 -16.72
C GLY A 170 14.12 2.50 -17.04
N VAL A 171 14.66 3.68 -17.32
CA VAL A 171 13.84 4.85 -17.64
C VAL A 171 12.97 4.61 -18.87
N GLU A 172 13.54 4.00 -19.89
CA GLU A 172 12.77 3.84 -21.13
C GLU A 172 11.57 2.93 -20.89
N TYR A 173 11.74 1.93 -20.03
CA TYR A 173 10.66 0.99 -19.70
C TYR A 173 9.43 1.73 -19.21
N TYR A 174 9.58 2.54 -18.15
CA TYR A 174 8.45 3.31 -17.62
C TYR A 174 7.90 4.30 -18.64
N ASN A 175 8.79 4.87 -19.42
CA ASN A 175 8.35 5.77 -20.49
C ASN A 175 7.43 5.08 -21.51
N LYS A 176 7.74 3.84 -21.85
CA LYS A 176 6.89 3.12 -22.80
C LYS A 176 5.55 2.83 -22.12
N LEU A 177 5.63 2.37 -20.87
CA LEU A 177 4.41 2.05 -20.14
C LEU A 177 3.52 3.27 -20.06
N ILE A 178 4.09 4.40 -19.68
CA ILE A 178 3.32 5.64 -19.52
C ILE A 178 2.71 6.08 -20.85
N ASP A 179 3.49 5.96 -21.93
CA ASP A 179 2.96 6.37 -23.25
C ASP A 179 1.79 5.47 -23.64
N LEU A 180 1.95 4.16 -23.45
CA LEU A 180 0.89 3.23 -23.81
C LEU A 180 -0.39 3.48 -23.03
N LEU A 181 -0.28 3.70 -21.71
CA LEU A 181 -1.47 4.04 -20.92
C LEU A 181 -2.17 5.27 -21.47
N LEU A 182 -1.42 6.34 -21.68
CA LEU A 182 -2.04 7.58 -22.11
C LEU A 182 -2.62 7.49 -23.55
N GLU A 183 -1.97 6.72 -24.41
CA GLU A 183 -2.55 6.50 -25.75
C GLU A 183 -3.94 5.88 -25.63
N ASN A 184 -4.14 5.10 -24.57
CA ASN A 184 -5.43 4.43 -24.37
C ASN A 184 -6.39 5.11 -23.41
N GLY A 185 -6.11 6.36 -23.07
CA GLY A 185 -7.00 7.12 -22.20
C GLY A 185 -7.03 6.71 -20.72
N ILE A 186 -5.97 6.06 -20.25
CA ILE A 186 -5.85 5.66 -18.85
C ILE A 186 -4.83 6.58 -18.15
N GLU A 187 -5.26 7.28 -17.09
CA GLU A 187 -4.40 8.21 -16.35
C GLU A 187 -3.48 7.47 -15.39
N PRO A 188 -2.18 7.63 -15.51
CA PRO A 188 -1.24 6.98 -14.58
C PRO A 188 -1.20 7.68 -13.22
N TYR A 189 -1.20 6.87 -12.16
CA TYR A 189 -1.00 7.39 -10.82
C TYR A 189 0.24 6.67 -10.40
N ILE A 190 1.33 7.39 -10.23
CA ILE A 190 2.59 6.69 -9.96
C ILE A 190 2.99 6.75 -8.50
N THR A 191 3.28 5.59 -7.94
CA THR A 191 3.86 5.47 -6.62
C THR A 191 5.37 5.40 -6.80
N ILE A 192 6.10 6.24 -6.06
CA ILE A 192 7.55 6.33 -6.21
C ILE A 192 8.24 5.18 -5.49
N PHE A 193 7.73 4.79 -4.33
CA PHE A 193 8.40 3.77 -3.57
C PHE A 193 7.39 2.78 -3.01
N HIS A 194 7.64 1.49 -3.23
CA HIS A 194 6.85 0.44 -2.60
C HIS A 194 7.76 -0.67 -2.08
N TRP A 195 8.65 -0.28 -1.14
CA TRP A 195 9.34 -1.18 -0.22
C TRP A 195 10.63 -1.80 -0.81
N ASP A 196 10.93 -1.44 -2.03
CA ASP A 196 12.02 -2.08 -2.78
C ASP A 196 13.25 -1.15 -2.76
N THR A 197 13.84 -1.00 -1.58
CA THR A 197 15.00 -0.14 -1.41
C THR A 197 16.20 -0.76 -2.14
N PRO A 198 16.96 0.01 -2.92
CA PRO A 198 18.24 -0.49 -3.49
C PRO A 198 19.12 -1.12 -2.44
N GLN A 199 19.49 -2.39 -2.67
CA GLN A 199 20.32 -3.09 -1.68
C GLN A 199 21.67 -2.42 -1.50
N ALA A 200 22.09 -1.66 -2.49
CA ALA A 200 23.39 -0.97 -2.40
C ALA A 200 23.34 0.08 -1.28
N LEU A 201 22.17 0.70 -1.09
CA LEU A 201 22.02 1.67 0.02
C LEU A 201 22.04 0.99 1.36
N VAL A 202 21.52 -0.23 1.42
CA VAL A 202 21.63 -1.02 2.62
C VAL A 202 23.11 -1.40 2.90
N GLU A 203 23.82 -1.78 1.84
CA GLU A 203 25.26 -2.06 1.95
C GLU A 203 25.99 -0.81 2.48
N ALA A 204 25.75 0.34 1.85
CA ALA A 204 26.42 1.59 2.20
C ALA A 204 26.11 2.12 3.60
N TYR A 205 24.85 2.02 4.05
CA TYR A 205 24.48 2.63 5.33
C TYR A 205 23.23 2.10 6.08
N GLY A 206 22.67 0.98 5.62
CA GLY A 206 21.51 0.42 6.27
C GLY A 206 20.19 0.96 5.74
N GLY A 207 20.25 1.63 4.60
CA GLY A 207 19.07 2.13 3.90
C GLY A 207 18.26 3.06 4.81
N PHE A 208 16.98 2.73 4.99
CA PHE A 208 16.07 3.60 5.73
C PHE A 208 16.43 3.71 7.22
N LEU A 209 17.37 2.90 7.70
CA LEU A 209 17.78 3.00 9.08
C LEU A 209 18.70 4.22 9.30
N ASP A 210 19.02 4.97 8.25
CA ASP A 210 19.97 6.07 8.39
C ASP A 210 19.43 7.24 7.65
N GLU A 211 19.63 8.44 8.19
CA GLU A 211 19.08 9.61 7.54
C GLU A 211 19.71 9.86 6.21
N ARG A 212 20.83 9.18 5.92
CA ARG A 212 21.38 9.29 4.54
C ARG A 212 20.36 8.89 3.46
N ILE A 213 19.36 8.08 3.83
CA ILE A 213 18.33 7.68 2.86
C ILE A 213 17.61 8.88 2.27
N ILE A 214 17.49 9.96 3.04
CA ILE A 214 16.64 11.06 2.62
C ILE A 214 17.08 11.73 1.31
N LYS A 215 18.37 12.02 1.22
CA LYS A 215 18.93 12.63 0.02
C LYS A 215 18.84 11.67 -1.19
N ASP A 216 19.14 10.40 -0.99
CA ASP A 216 19.07 9.44 -2.11
C ASP A 216 17.62 9.31 -2.60
N TYR A 217 16.69 9.19 -1.66
CA TYR A 217 15.27 9.14 -2.05
C TYR A 217 14.86 10.37 -2.81
N THR A 218 15.22 11.57 -2.33
CA THR A 218 14.77 12.76 -3.03
C THR A 218 15.47 12.91 -4.39
N ASP A 219 16.74 12.50 -4.48
CA ASP A 219 17.38 12.41 -5.80
C ASP A 219 16.60 11.49 -6.75
N PHE A 220 16.25 10.30 -6.26
CA PHE A 220 15.43 9.36 -7.03
C PHE A 220 14.12 9.99 -7.45
N ALA A 221 13.41 10.60 -6.50
CA ALA A 221 12.14 11.24 -6.82
C ALA A 221 12.33 12.29 -7.89
N LYS A 222 13.41 13.05 -7.77
CA LYS A 222 13.73 14.09 -8.74
C LYS A 222 13.92 13.53 -10.17
N VAL A 223 14.69 12.45 -10.29
CA VAL A 223 14.86 11.80 -11.58
C VAL A 223 13.46 11.47 -12.10
N CYS A 224 12.65 10.77 -11.28
CA CYS A 224 11.28 10.44 -11.70
C CYS A 224 10.53 11.67 -12.19
N PHE A 225 10.55 12.76 -11.42
CA PHE A 225 9.80 13.96 -11.83
C PHE A 225 10.32 14.53 -13.15
N GLU A 226 11.63 14.51 -13.32
CA GLU A 226 12.26 15.06 -14.52
C GLU A 226 11.91 14.19 -15.74
N LYS A 227 12.06 12.88 -15.61
CA LYS A 227 11.86 11.96 -16.75
C LYS A 227 10.38 11.80 -17.10
N PHE A 228 9.51 11.76 -16.09
CA PHE A 228 8.10 11.45 -16.35
C PHE A 228 7.10 12.55 -16.06
N GLY A 229 7.52 13.59 -15.34
CA GLY A 229 6.57 14.57 -14.82
C GLY A 229 5.82 15.38 -15.85
N LYS A 230 6.40 15.51 -17.03
CA LYS A 230 5.69 16.23 -18.08
C LYS A 230 4.40 15.50 -18.47
N THR A 231 4.44 14.16 -18.49
CA THR A 231 3.23 13.40 -18.85
C THR A 231 2.41 12.89 -17.65
N VAL A 232 3.07 12.66 -16.52
CA VAL A 232 2.39 12.16 -15.33
C VAL A 232 2.15 13.28 -14.30
N LYS A 233 0.87 13.52 -13.95
CA LYS A 233 0.48 14.60 -13.03
C LYS A 233 -0.03 14.12 -11.66
N ASN A 234 0.13 12.84 -11.35
CA ASN A 234 -0.42 12.28 -10.13
C ASN A 234 0.62 11.41 -9.46
N TRP A 235 1.10 11.86 -8.31
CA TRP A 235 2.23 11.22 -7.68
C TRP A 235 1.93 10.84 -6.25
N LEU A 236 2.47 9.69 -5.82
CA LEU A 236 2.38 9.25 -4.43
C LEU A 236 3.77 8.89 -3.98
N THR A 237 4.24 9.52 -2.91
CA THR A 237 5.62 9.31 -2.50
C THR A 237 5.86 7.92 -1.92
N PHE A 238 4.95 7.50 -1.06
CA PHE A 238 5.09 6.26 -0.32
C PHE A 238 3.75 5.54 -0.31
N ASN A 239 3.80 4.22 -0.19
CA ASN A 239 2.61 3.40 -0.17
C ASN A 239 2.71 2.49 1.01
N ASP A 240 1.67 2.48 1.86
CA ASP A 240 1.66 1.72 3.12
C ASP A 240 2.90 1.92 3.99
N PRO A 241 3.25 3.15 4.32
CA PRO A 241 4.40 3.37 5.18
C PRO A 241 4.23 2.66 6.52
N GLU A 242 2.99 2.49 7.04
CA GLU A 242 2.87 1.78 8.28
C GLU A 242 3.26 0.30 8.11
N THR A 243 2.81 -0.31 7.02
CA THR A 243 3.16 -1.74 6.87
C THR A 243 4.66 -1.82 6.70
N PHE A 244 5.18 -0.96 5.87
CA PHE A 244 6.62 -0.94 5.61
C PHE A 244 7.40 -0.89 6.92
N CYS A 245 7.01 0.01 7.85
CA CYS A 245 7.78 0.15 9.09
C CYS A 245 7.52 -0.95 10.08
N SER A 246 6.24 -1.24 10.37
CA SER A 246 5.97 -2.19 11.43
C SER A 246 6.32 -3.64 11.05
N VAL A 247 6.19 -3.95 9.78
CA VAL A 247 6.21 -5.36 9.35
C VAL A 247 7.62 -5.68 8.78
N SER A 248 8.32 -4.70 8.24
CA SER A 248 9.66 -4.99 7.72
C SER A 248 10.72 -4.85 8.83
N TYR A 249 10.41 -4.04 9.84
CA TYR A 249 11.37 -3.74 10.91
C TYR A 249 10.85 -4.04 12.29
N GLY A 250 9.59 -4.43 12.37
CA GLY A 250 9.01 -4.75 13.65
C GLY A 250 8.76 -6.25 13.79
N THR A 251 7.83 -6.79 13.02
CA THR A 251 7.63 -8.25 13.11
C THR A 251 8.63 -8.97 12.19
N GLY A 252 9.26 -8.21 11.32
CA GLY A 252 10.29 -8.74 10.44
C GLY A 252 9.81 -9.70 9.37
N VAL A 253 8.49 -9.74 9.13
CA VAL A 253 7.93 -10.61 8.09
C VAL A 253 8.37 -10.22 6.67
N LEU A 254 8.54 -8.93 6.45
CA LEU A 254 8.83 -8.40 5.12
C LEU A 254 10.28 -7.94 5.03
N ALA A 255 10.88 -7.98 3.83
CA ALA A 255 12.28 -7.55 3.64
C ALA A 255 12.49 -6.14 4.24
N PRO A 256 13.60 -5.91 4.99
CA PRO A 256 14.70 -6.86 5.17
C PRO A 256 14.57 -7.88 6.27
N GLY A 257 13.43 -7.97 6.92
CA GLY A 257 13.20 -9.09 7.81
C GLY A 257 13.83 -8.91 9.17
N ARG A 258 13.82 -7.68 9.67
CA ARG A 258 14.47 -7.41 10.95
C ARG A 258 13.51 -7.30 12.12
N CYS A 259 13.97 -7.75 13.27
CA CYS A 259 13.17 -7.74 14.49
C CYS A 259 14.12 -7.88 15.68
N SER A 260 13.58 -7.73 16.89
CA SER A 260 14.31 -7.91 18.14
C SER A 260 14.70 -9.39 18.35
N PRO A 261 15.87 -9.61 18.97
CA PRO A 261 16.19 -10.94 19.47
C PRO A 261 15.01 -11.51 20.20
N GLY A 262 14.71 -12.78 19.92
CA GLY A 262 13.60 -13.44 20.57
C GLY A 262 12.31 -13.34 19.77
N VAL A 263 12.25 -12.44 18.79
CA VAL A 263 11.10 -12.40 17.89
C VAL A 263 11.44 -13.29 16.70
N SER A 264 10.46 -14.01 16.17
CA SER A 264 10.77 -14.93 15.08
C SER A 264 10.76 -14.27 13.71
N CYS A 265 11.93 -14.01 13.15
CA CYS A 265 12.06 -13.41 11.83
C CYS A 265 13.44 -13.75 11.27
N ALA A 266 13.70 -13.37 10.04
CA ALA A 266 14.93 -13.77 9.35
C ALA A 266 16.19 -13.19 9.98
N VAL A 267 16.09 -11.95 10.46
CA VAL A 267 17.24 -11.25 10.99
C VAL A 267 16.90 -10.70 12.35
N PRO A 268 16.91 -11.55 13.36
CA PRO A 268 16.46 -11.15 14.69
C PRO A 268 17.58 -10.47 15.49
N THR A 269 18.27 -9.54 14.85
CA THR A 269 19.23 -8.71 15.57
C THR A 269 18.91 -7.21 15.41
N GLY A 270 17.65 -6.87 15.17
CA GLY A 270 17.29 -5.46 15.06
C GLY A 270 16.70 -5.05 16.39
N ASN A 271 15.64 -4.26 16.35
CA ASN A 271 14.96 -3.84 17.59
C ASN A 271 13.54 -3.44 17.18
N SER A 272 12.56 -4.26 17.53
CA SER A 272 11.20 -4.09 17.05
C SER A 272 10.51 -2.86 17.71
N LEU A 273 11.14 -2.36 18.77
CA LEU A 273 10.65 -1.19 19.49
C LEU A 273 11.21 0.12 18.95
N SER A 274 12.36 0.10 18.30
CA SER A 274 12.94 1.37 17.89
C SER A 274 13.03 1.54 16.41
N GLU A 275 13.39 0.47 15.70
CA GLU A 275 13.62 0.62 14.25
C GLU A 275 12.41 1.07 13.45
N PRO A 276 11.22 0.54 13.72
CA PRO A 276 10.06 1.01 12.97
C PRO A 276 9.90 2.54 13.07
N TYR A 277 10.18 3.13 14.24
CA TYR A 277 10.07 4.60 14.39
C TYR A 277 11.15 5.35 13.62
N ILE A 278 12.37 4.80 13.65
CA ILE A 278 13.48 5.39 12.89
C ILE A 278 13.15 5.43 11.42
N VAL A 279 12.70 4.28 10.92
CA VAL A 279 12.41 4.21 9.50
C VAL A 279 11.23 5.12 9.15
N ALA A 280 10.19 5.09 9.97
CA ALA A 280 9.02 5.98 9.74
C ALA A 280 9.47 7.45 9.67
N HIS A 281 10.33 7.82 10.60
CA HIS A 281 10.81 9.20 10.68
C HIS A 281 11.61 9.59 9.44
N ASN A 282 12.53 8.72 9.03
CA ASN A 282 13.23 9.01 7.79
C ASN A 282 12.32 9.12 6.58
N LEU A 283 11.32 8.25 6.51
CA LEU A 283 10.42 8.29 5.36
C LEU A 283 9.60 9.58 5.39
N LEU A 284 9.15 9.97 6.58
CA LEU A 284 8.41 11.24 6.66
C LEU A 284 9.27 12.46 6.30
N ARG A 285 10.52 12.47 6.71
CA ARG A 285 11.40 13.59 6.31
C ARG A 285 11.60 13.58 4.79
N ALA A 286 11.80 12.39 4.21
CA ALA A 286 11.92 12.27 2.76
C ALA A 286 10.68 12.77 2.04
N HIS A 287 9.52 12.36 2.55
CA HIS A 287 8.26 12.82 2.00
C HIS A 287 8.16 14.35 2.01
N ALA A 288 8.39 14.97 3.16
CA ALA A 288 8.21 16.43 3.24
C ALA A 288 9.08 17.14 2.21
N GLU A 289 10.34 16.71 2.14
CA GLU A 289 11.33 17.32 1.25
C GLU A 289 10.96 17.10 -0.22
N THR A 290 10.42 15.92 -0.52
CA THR A 290 10.06 15.58 -1.89
C THR A 290 8.88 16.40 -2.33
N VAL A 291 7.92 16.59 -1.44
CA VAL A 291 6.76 17.39 -1.78
C VAL A 291 7.21 18.83 -2.05
N ASP A 292 8.21 19.27 -1.30
CA ASP A 292 8.73 20.63 -1.45
C ASP A 292 9.42 20.75 -2.81
N ILE A 293 10.30 19.81 -3.15
CA ILE A 293 10.85 19.77 -4.51
C ILE A 293 9.75 19.79 -5.58
N TYR A 294 8.76 18.91 -5.48
CA TYR A 294 7.69 18.86 -6.47
C TYR A 294 6.93 20.18 -6.61
N ASN A 295 6.51 20.75 -5.47
CA ASN A 295 5.76 22.00 -5.49
C ASN A 295 6.54 23.15 -6.14
N LYS A 296 7.85 23.18 -5.92
CA LYS A 296 8.69 24.27 -6.42
C LYS A 296 9.00 24.13 -7.91
N TYR A 297 9.22 22.91 -8.37
CA TYR A 297 9.81 22.72 -9.69
C TYR A 297 9.01 21.91 -10.71
N HIS A 298 7.89 21.30 -10.29
CA HIS A 298 7.20 20.37 -11.17
C HIS A 298 5.70 20.43 -11.15
N LYS A 299 5.13 20.96 -10.07
CA LYS A 299 3.68 20.91 -9.91
C LYS A 299 2.98 21.66 -11.04
N GLY A 300 3.43 22.88 -11.29
CA GLY A 300 2.78 23.72 -12.28
C GLY A 300 1.30 23.87 -12.02
N ALA A 301 0.51 23.81 -13.09
CA ALA A 301 -0.91 24.14 -12.99
C ALA A 301 -1.79 23.02 -12.44
N ASP A 302 -1.45 21.76 -12.72
CA ASP A 302 -2.37 20.67 -12.39
C ASP A 302 -1.76 19.42 -11.75
N GLY A 303 -0.44 19.45 -11.50
CA GLY A 303 0.24 18.36 -10.83
C GLY A 303 -0.21 18.20 -9.38
N ARG A 304 -0.15 16.96 -8.89
CA ARG A 304 -0.65 16.69 -7.54
C ARG A 304 0.22 15.62 -6.93
N ILE A 305 0.51 15.74 -5.64
CA ILE A 305 1.35 14.75 -4.97
C ILE A 305 0.78 14.47 -3.59
N GLY A 306 0.85 13.20 -3.18
CA GLY A 306 0.35 12.82 -1.88
C GLY A 306 1.03 11.56 -1.43
N LEU A 307 0.36 10.79 -0.60
CA LEU A 307 0.89 9.48 -0.22
C LEU A 307 -0.32 8.60 0.09
N ALA A 308 -0.11 7.29 0.17
CA ALA A 308 -1.22 6.36 0.30
C ALA A 308 -0.98 5.58 1.57
N LEU A 309 -1.97 5.56 2.43
CA LEU A 309 -1.78 5.00 3.74
C LEU A 309 -2.60 3.75 3.84
N ASN A 310 -2.02 2.71 4.43
CA ASN A 310 -2.90 1.58 4.69
C ASN A 310 -3.52 1.80 6.05
N VAL A 311 -4.81 1.60 6.25
CA VAL A 311 -5.58 1.86 7.46
C VAL A 311 -6.44 0.66 7.75
N PHE A 312 -6.18 -0.05 8.79
CA PHE A 312 -7.10 -1.03 9.30
C PHE A 312 -8.26 -0.31 9.95
N GLY A 313 -9.50 -0.74 9.70
CA GLY A 313 -10.59 -0.23 10.50
C GLY A 313 -10.46 -0.75 11.92
N ARG A 314 -10.85 0.04 12.90
CA ARG A 314 -10.76 -0.41 14.28
C ARG A 314 -12.11 -0.12 14.93
N VAL A 315 -12.73 -1.13 15.50
CA VAL A 315 -14.01 -1.00 16.16
C VAL A 315 -13.79 -1.26 17.64
N PRO A 316 -14.32 -0.41 18.52
CA PRO A 316 -14.08 -0.64 19.95
C PRO A 316 -14.65 -1.99 20.29
N TYR A 317 -13.88 -2.77 21.05
CA TYR A 317 -14.32 -4.08 21.42
C TYR A 317 -15.68 -4.05 22.14
N THR A 318 -15.90 -3.08 23.04
CA THR A 318 -17.25 -2.74 23.53
C THR A 318 -17.45 -1.23 23.41
N ASN A 319 -18.69 -0.76 23.54
CA ASN A 319 -18.93 0.69 23.48
C ASN A 319 -18.79 1.31 24.88
N THR A 320 -17.63 1.09 25.47
CA THR A 320 -17.28 1.38 26.85
C THR A 320 -16.05 2.25 26.75
N PHE A 321 -15.86 3.22 27.66
CA PHE A 321 -14.78 4.18 27.48
C PHE A 321 -13.42 3.53 27.36
N LEU A 322 -13.13 2.46 28.09
CA LEU A 322 -11.75 1.95 28.00
C LEU A 322 -11.45 1.43 26.58
N ASP A 323 -12.43 0.74 26.00
CA ASP A 323 -12.22 0.16 24.66
C ASP A 323 -12.34 1.23 23.61
N GLN A 324 -13.13 2.27 23.88
CA GLN A 324 -13.17 3.39 22.93
C GLN A 324 -11.79 4.08 22.93
N GLN A 325 -11.18 4.19 24.10
CA GLN A 325 -9.88 4.85 24.19
C GLN A 325 -8.84 3.97 23.49
N ALA A 326 -8.95 2.66 23.66
CA ALA A 326 -8.06 1.71 22.96
C ALA A 326 -8.17 1.80 21.45
N GLN A 327 -9.40 1.94 20.97
CA GLN A 327 -9.65 2.12 19.53
C GLN A 327 -8.99 3.39 19.04
N GLU A 328 -9.07 4.47 19.83
CA GLU A 328 -8.45 5.71 19.43
C GLU A 328 -6.92 5.62 19.40
N ARG A 329 -6.33 4.98 20.39
CA ARG A 329 -4.86 4.78 20.37
C ARG A 329 -4.46 3.94 19.17
N SER A 330 -5.30 2.98 18.83
CA SER A 330 -5.00 2.07 17.71
C SER A 330 -5.08 2.82 16.41
N MET A 331 -6.11 3.65 16.24
CA MET A 331 -6.17 4.46 15.04
C MET A 331 -4.97 5.41 14.95
N ASP A 332 -4.61 6.03 16.06
CA ASP A 332 -3.43 6.91 16.05
C ASP A 332 -2.16 6.14 15.61
N LYS A 333 -2.03 4.89 16.06
CA LYS A 333 -0.78 4.14 15.83
C LYS A 333 -0.73 3.60 14.38
N CYS A 334 -1.87 3.54 13.72
CA CYS A 334 -1.90 3.13 12.30
C CYS A 334 -2.05 4.31 11.36
N LEU A 335 -3.22 4.93 11.33
CA LEU A 335 -3.47 6.10 10.48
C LEU A 335 -2.71 7.36 10.94
N GLY A 336 -2.80 7.70 12.22
CA GLY A 336 -2.26 8.98 12.73
C GLY A 336 -0.75 9.05 12.66
N TRP A 337 -0.10 7.89 12.81
CA TRP A 337 1.38 7.83 12.73
C TRP A 337 1.92 8.59 11.54
N PHE A 338 1.32 8.39 10.34
CA PHE A 338 1.76 9.10 9.13
C PHE A 338 0.86 10.28 8.76
N LEU A 339 -0.43 10.17 9.04
CA LEU A 339 -1.35 11.23 8.63
C LEU A 339 -1.14 12.48 9.52
N GLU A 340 -0.99 12.33 10.83
CA GLU A 340 -0.86 13.54 11.66
C GLU A 340 0.39 14.37 11.35
N PRO A 341 1.54 13.72 11.14
CA PRO A 341 2.69 14.49 10.62
C PRO A 341 2.40 15.30 9.35
N VAL A 342 1.82 14.71 8.31
CA VAL A 342 1.56 15.50 7.10
C VAL A 342 0.43 16.52 7.26
N VAL A 343 -0.45 16.26 8.21
CA VAL A 343 -1.57 17.16 8.42
C VAL A 343 -1.19 18.32 9.35
N ARG A 344 -0.53 18.04 10.47
CA ARG A 344 -0.25 19.10 11.45
C ARG A 344 1.23 19.26 11.80
N GLY A 345 2.10 18.39 11.28
CA GLY A 345 3.52 18.58 11.48
C GLY A 345 4.11 17.82 12.65
N ASP A 346 3.33 16.99 13.31
CA ASP A 346 3.90 16.13 14.33
C ASP A 346 3.10 14.82 14.50
N TYR A 347 3.70 13.84 15.20
CA TYR A 347 3.03 12.56 15.49
C TYR A 347 1.87 12.76 16.46
N PRO A 348 0.89 11.83 16.51
CA PRO A 348 -0.20 11.98 17.49
C PRO A 348 0.34 12.03 18.92
N PHE A 349 -0.32 12.82 19.77
CA PHE A 349 0.06 12.91 21.17
C PHE A 349 0.14 11.52 21.78
N SER A 350 -0.82 10.65 21.46
CA SER A 350 -0.86 9.37 22.16
C SER A 350 0.44 8.56 21.90
N MET A 351 0.99 8.69 20.69
CA MET A 351 2.19 7.93 20.32
C MET A 351 3.43 8.41 21.11
N ARG A 352 3.54 9.73 21.26
CA ARG A 352 4.67 10.31 22.04
C ARG A 352 4.55 10.00 23.52
N VAL A 353 3.35 10.18 24.08
CA VAL A 353 3.24 9.99 25.51
C VAL A 353 3.49 8.52 25.86
N SER A 354 3.17 7.60 24.92
CA SER A 354 3.39 6.19 25.15
C SER A 354 4.87 5.82 24.93
N ALA A 355 5.41 6.19 23.78
CA ALA A 355 6.72 5.64 23.40
C ALA A 355 7.88 6.60 23.68
N ARG A 356 7.54 7.86 23.99
CA ARG A 356 8.53 8.79 24.51
C ARG A 356 9.78 8.93 23.61
N ASP A 357 10.96 8.61 24.13
CA ASP A 357 12.18 8.98 23.42
C ASP A 357 12.41 8.09 22.19
N ARG A 358 11.63 7.03 22.03
CA ARG A 358 11.71 6.26 20.78
C ARG A 358 11.10 6.95 19.58
N VAL A 359 10.34 8.02 19.82
CA VAL A 359 9.77 8.77 18.71
C VAL A 359 10.60 10.03 18.50
N PRO A 360 11.26 10.16 17.35
CA PRO A 360 12.12 11.33 17.09
C PRO A 360 11.30 12.58 16.83
N TYR A 361 11.97 13.73 16.97
CA TYR A 361 11.35 15.03 16.69
C TYR A 361 11.76 15.54 15.33
N PHE A 362 10.83 16.19 14.62
CA PHE A 362 11.18 16.84 13.38
C PHE A 362 11.91 18.13 13.66
N LYS A 363 12.82 18.51 12.78
CA LYS A 363 13.47 19.80 12.87
C LYS A 363 12.55 20.93 12.40
N GLU A 364 12.80 22.16 12.87
CA GLU A 364 11.92 23.29 12.58
C GLU A 364 11.60 23.48 11.09
N LYS A 365 12.63 23.48 10.26
CA LYS A 365 12.46 23.76 8.85
C LYS A 365 11.71 22.64 8.08
N GLU A 366 12.04 21.39 8.36
CA GLU A 366 11.38 20.27 7.69
C GLU A 366 9.94 20.17 8.19
N GLN A 367 9.74 20.51 9.46
CA GLN A 367 8.41 20.52 10.02
C GLN A 367 7.48 21.48 9.27
N GLU A 368 8.00 22.65 8.90
CA GLU A 368 7.22 23.58 8.10
C GLU A 368 6.89 22.98 6.74
N LYS A 369 7.83 22.25 6.17
CA LYS A 369 7.58 21.55 4.91
C LYS A 369 6.56 20.41 5.06
N LEU A 370 6.54 19.76 6.23
CA LEU A 370 5.63 18.64 6.49
C LEU A 370 4.19 19.06 6.51
N VAL A 371 3.91 20.18 7.17
CA VAL A 371 2.53 20.60 7.40
C VAL A 371 1.82 20.78 6.07
N GLY A 372 0.65 20.16 5.95
CA GLY A 372 -0.09 20.15 4.70
C GLY A 372 0.62 19.64 3.46
N SER A 373 1.57 18.72 3.61
CA SER A 373 2.33 18.24 2.46
C SER A 373 1.60 17.17 1.60
N TYR A 374 0.40 17.50 1.12
CA TYR A 374 -0.38 16.58 0.30
C TYR A 374 -1.42 17.35 -0.47
N ASP A 375 -1.70 16.89 -1.68
CA ASP A 375 -2.84 17.34 -2.44
C ASP A 375 -3.98 16.35 -2.30
N MET A 376 -3.66 15.10 -1.98
CA MET A 376 -4.72 14.12 -1.80
C MET A 376 -4.13 13.02 -0.94
N ILE A 377 -4.97 12.21 -0.30
CA ILE A 377 -4.48 11.13 0.54
C ILE A 377 -5.06 9.85 -0.07
N GLY A 378 -4.21 8.83 -0.26
CA GLY A 378 -4.69 7.51 -0.67
C GLY A 378 -5.07 6.71 0.56
N ILE A 379 -6.20 6.02 0.52
CA ILE A 379 -6.60 5.12 1.58
C ILE A 379 -6.54 3.70 1.00
N ASN A 380 -5.73 2.78 1.46
CA ASN A 380 -5.73 1.38 1.04
C ASN A 380 -6.44 0.65 2.13
N TYR A 381 -7.59 0.11 1.94
CA TYR A 381 -8.40 -0.52 2.95
C TYR A 381 -8.66 -1.98 2.56
N TYR A 382 -8.43 -2.89 3.50
CA TYR A 382 -8.65 -4.31 3.31
C TYR A 382 -9.59 -4.85 4.37
N THR A 383 -9.42 -4.42 5.61
CA THR A 383 -10.12 -5.08 6.70
C THR A 383 -10.20 -4.26 8.00
N SER A 384 -10.91 -4.78 9.01
CA SER A 384 -11.01 -4.13 10.33
C SER A 384 -10.83 -5.18 11.40
N THR A 385 -10.52 -4.76 12.62
CA THR A 385 -10.55 -5.63 13.79
C THR A 385 -11.26 -4.90 14.91
N PHE A 386 -11.52 -5.61 16.01
CA PHE A 386 -11.95 -4.93 17.24
C PHE A 386 -10.70 -4.50 17.97
N SER A 387 -10.75 -3.42 18.75
CA SER A 387 -9.57 -2.98 19.53
C SER A 387 -9.98 -3.05 20.97
N LYS A 388 -9.23 -3.77 21.79
CA LYS A 388 -9.58 -4.01 23.18
C LYS A 388 -8.49 -3.45 24.07
N HIS A 389 -8.89 -2.75 25.13
CA HIS A 389 -7.96 -2.04 26.04
C HIS A 389 -6.97 -2.99 26.72
N ILE A 390 -5.69 -2.58 26.82
CA ILE A 390 -4.74 -3.27 27.70
C ILE A 390 -4.29 -2.26 28.75
N ASP A 391 -4.28 -2.67 30.01
CA ASP A 391 -3.87 -1.76 31.09
C ASP A 391 -2.38 -1.51 31.10
N LEU A 392 -2.00 -0.32 31.49
CA LEU A 392 -0.60 -0.03 31.74
C LEU A 392 -0.29 -0.61 33.14
N SER A 393 0.56 -1.63 33.20
CA SER A 393 0.93 -2.24 34.47
C SER A 393 2.41 -2.60 34.54
N PRO A 394 2.90 -2.98 35.72
CA PRO A 394 4.28 -3.48 35.84
C PRO A 394 4.44 -4.81 35.07
N ASN A 395 3.34 -5.55 34.90
CA ASN A 395 3.29 -6.81 34.10
C ASN A 395 3.40 -6.71 32.54
N ASN A 396 3.09 -5.54 31.95
CA ASN A 396 3.10 -5.34 30.49
C ASN A 396 4.35 -4.57 30.08
N SER A 397 5.12 -5.16 29.15
CA SER A 397 6.30 -4.55 28.60
C SER A 397 6.26 -4.69 27.08
N PRO A 398 6.14 -3.59 26.34
CA PRO A 398 6.04 -3.64 24.88
C PRO A 398 7.18 -4.43 24.24
N VAL A 399 6.88 -5.26 23.25
CA VAL A 399 7.92 -5.98 22.50
C VAL A 399 8.01 -5.43 21.09
N LEU A 400 6.85 -5.27 20.46
CA LEU A 400 6.75 -4.67 19.13
C LEU A 400 6.29 -3.20 19.19
N ASN A 401 6.69 -2.39 18.22
CA ASN A 401 6.24 -0.99 18.22
C ASN A 401 4.71 -0.88 18.34
N THR A 402 3.99 -1.84 17.76
CA THR A 402 2.53 -1.78 17.83
C THR A 402 2.01 -2.04 19.24
N ASP A 403 2.82 -2.61 20.10
CA ASP A 403 2.40 -2.77 21.49
C ASP A 403 2.30 -1.42 22.24
N ASP A 404 2.89 -0.39 21.69
CA ASP A 404 2.86 0.96 22.30
C ASP A 404 1.44 1.56 22.31
N ALA A 405 0.52 0.94 21.59
CA ALA A 405 -0.86 1.40 21.55
C ALA A 405 -1.67 0.89 22.72
N TYR A 406 -1.13 -0.02 23.53
CA TYR A 406 -1.90 -0.55 24.65
C TYR A 406 -3.30 -1.04 24.24
N ALA A 407 -3.34 -1.83 23.17
CA ALA A 407 -4.60 -2.34 22.68
C ALA A 407 -4.34 -3.69 22.02
N SER A 408 -5.21 -4.68 22.23
CA SER A 408 -5.09 -5.89 21.38
C SER A 408 -6.10 -5.81 20.24
N GLN A 409 -5.75 -6.38 19.09
CA GLN A 409 -6.63 -6.25 17.93
C GLN A 409 -7.29 -7.62 17.83
N GLU A 410 -8.60 -7.68 18.03
CA GLU A 410 -9.29 -8.97 18.13
C GLU A 410 -10.13 -9.19 16.88
N THR A 411 -10.13 -10.39 16.30
CA THR A 411 -10.97 -10.59 15.11
C THR A 411 -12.34 -11.05 15.62
N LYS A 412 -12.42 -11.60 16.84
CA LYS A 412 -13.70 -11.96 17.48
C LYS A 412 -14.16 -10.94 18.54
N GLY A 413 -15.42 -10.51 18.49
CA GLY A 413 -15.95 -9.55 19.46
C GLY A 413 -16.42 -10.22 20.74
N PRO A 414 -16.94 -9.42 21.66
CA PRO A 414 -17.31 -9.91 23.00
C PRO A 414 -18.51 -10.89 22.97
N ASP A 415 -19.27 -10.93 21.87
CA ASP A 415 -20.36 -11.93 21.76
C ASP A 415 -19.89 -13.22 21.09
N GLY A 416 -18.59 -13.29 20.82
CA GLY A 416 -18.00 -14.48 20.23
C GLY A 416 -17.99 -14.50 18.70
N ASN A 417 -18.58 -13.50 18.06
CA ASN A 417 -18.64 -13.48 16.62
C ASN A 417 -17.41 -12.82 15.98
N ALA A 418 -16.93 -13.37 14.86
CA ALA A 418 -15.92 -12.72 14.04
C ALA A 418 -16.46 -11.36 13.62
N ILE A 419 -15.58 -10.40 13.38
CA ILE A 419 -16.00 -9.10 12.93
C ILE A 419 -16.69 -9.23 11.59
N GLY A 420 -16.17 -10.12 10.76
CA GLY A 420 -16.77 -10.47 9.48
C GLY A 420 -16.12 -11.75 8.97
N PRO A 421 -16.66 -12.31 7.91
CA PRO A 421 -16.17 -13.62 7.46
C PRO A 421 -14.83 -13.55 6.76
N PRO A 422 -14.11 -14.67 6.76
CA PRO A 422 -12.77 -14.75 6.11
C PRO A 422 -12.93 -14.69 4.61
N THR A 423 -12.06 -14.04 3.86
CA THR A 423 -12.22 -13.99 2.44
C THR A 423 -11.30 -15.02 1.76
N GLY A 424 -10.42 -15.66 2.53
CA GLY A 424 -9.48 -16.60 1.94
C GLY A 424 -8.18 -16.66 2.70
N ASN A 425 -7.49 -15.54 2.84
CA ASN A 425 -6.19 -15.59 3.50
C ASN A 425 -6.23 -15.51 5.02
N ALA A 426 -5.09 -15.23 5.64
CA ALA A 426 -5.05 -15.37 7.08
C ALA A 426 -5.59 -14.11 7.80
N TRP A 427 -5.81 -13.01 7.08
CA TRP A 427 -6.05 -11.76 7.82
C TRP A 427 -7.17 -10.87 7.24
N ILE A 428 -7.56 -11.10 5.99
CA ILE A 428 -8.57 -10.19 5.42
C ILE A 428 -9.96 -10.72 5.73
N ASN A 429 -10.58 -10.13 6.74
CA ASN A 429 -11.96 -10.47 7.06
C ASN A 429 -12.84 -9.43 6.40
N MET A 430 -14.01 -9.85 5.97
CA MET A 430 -14.81 -8.97 5.15
C MET A 430 -15.64 -8.04 6.03
N TYR A 431 -15.33 -6.74 6.00
CA TYR A 431 -16.01 -5.77 6.89
C TYR A 431 -16.08 -4.40 6.22
N PRO A 432 -16.88 -4.28 5.16
CA PRO A 432 -16.89 -3.04 4.39
C PRO A 432 -17.33 -1.84 5.24
N LYS A 433 -18.13 -2.03 6.28
CA LYS A 433 -18.51 -0.87 7.11
C LYS A 433 -17.29 -0.16 7.70
N GLY A 434 -16.19 -0.90 7.92
CA GLY A 434 -14.96 -0.27 8.39
C GLY A 434 -14.44 0.85 7.53
N LEU A 435 -14.62 0.74 6.22
CA LEU A 435 -14.19 1.80 5.32
C LEU A 435 -15.00 3.07 5.60
N HIS A 436 -16.29 2.90 5.86
CA HIS A 436 -17.12 4.07 6.13
C HIS A 436 -16.60 4.79 7.39
N ASP A 437 -16.32 4.04 8.45
CA ASP A 437 -15.79 4.63 9.68
C ASP A 437 -14.50 5.46 9.42
N ILE A 438 -13.57 4.89 8.67
CA ILE A 438 -12.34 5.60 8.35
C ILE A 438 -12.63 6.88 7.56
N LEU A 439 -13.52 6.80 6.56
CA LEU A 439 -13.78 7.97 5.72
C LEU A 439 -14.50 9.11 6.53
N MET A 440 -15.36 8.73 7.46
CA MET A 440 -16.01 9.72 8.32
C MET A 440 -14.99 10.40 9.25
N THR A 441 -13.99 9.63 9.71
CA THR A 441 -12.88 10.19 10.47
C THR A 441 -12.07 11.16 9.65
N MET A 442 -11.74 10.76 8.43
CA MET A 442 -11.04 11.65 7.54
C MET A 442 -11.84 12.94 7.28
N LYS A 443 -13.15 12.78 7.08
CA LYS A 443 -14.03 13.91 6.74
C LYS A 443 -14.14 14.84 7.95
N ASN A 444 -14.45 14.28 9.11
CA ASN A 444 -14.79 15.07 10.30
C ASN A 444 -13.64 15.49 11.19
N LYS A 445 -12.58 14.68 11.24
CA LYS A 445 -11.50 14.97 12.14
C LYS A 445 -10.33 15.65 11.44
N TYR A 446 -10.06 15.24 10.20
CA TYR A 446 -8.83 15.64 9.53
C TYR A 446 -9.07 16.56 8.31
N GLY A 447 -10.23 17.19 8.25
CA GLY A 447 -10.45 18.24 7.25
C GLY A 447 -10.97 17.79 5.89
N ASN A 448 -11.29 16.50 5.73
CA ASN A 448 -11.88 16.01 4.47
C ASN A 448 -11.01 16.33 3.27
N PRO A 449 -9.76 15.92 3.28
CA PRO A 449 -8.89 16.19 2.13
C PRO A 449 -9.41 15.36 0.93
N PRO A 450 -9.00 15.69 -0.29
CA PRO A 450 -9.39 14.85 -1.45
C PRO A 450 -8.79 13.46 -1.23
N MET A 451 -9.59 12.42 -1.41
CA MET A 451 -9.15 11.05 -1.12
C MET A 451 -9.38 10.14 -2.34
N TYR A 452 -8.57 9.08 -2.44
CA TYR A 452 -8.76 8.00 -3.41
C TYR A 452 -8.71 6.72 -2.61
N ILE A 453 -9.60 5.76 -2.86
CA ILE A 453 -9.37 4.42 -2.32
C ILE A 453 -8.29 3.85 -3.24
N THR A 454 -7.03 3.94 -2.81
CA THR A 454 -5.95 3.59 -3.72
C THR A 454 -5.68 2.08 -3.77
N GLU A 455 -6.20 1.32 -2.79
CA GLU A 455 -6.19 -0.14 -2.82
C GLU A 455 -7.39 -0.67 -2.08
N ASN A 456 -8.00 -1.73 -2.60
CA ASN A 456 -9.06 -2.45 -1.91
C ASN A 456 -9.17 -3.79 -2.60
N GLY A 457 -9.12 -4.89 -1.86
CA GLY A 457 -9.16 -6.21 -2.49
C GLY A 457 -8.96 -7.34 -1.51
N MET A 458 -8.79 -8.57 -2.03
CA MET A 458 -8.71 -9.74 -1.15
C MET A 458 -8.04 -10.86 -1.98
N GLY A 459 -7.54 -11.88 -1.31
CA GLY A 459 -6.78 -12.94 -1.97
C GLY A 459 -7.54 -14.26 -1.99
N ASP A 460 -7.39 -15.00 -3.09
CA ASP A 460 -7.88 -16.37 -3.16
C ASP A 460 -6.69 -17.29 -2.90
N ILE A 461 -6.87 -18.34 -2.11
CA ILE A 461 -5.76 -19.23 -1.77
C ILE A 461 -5.48 -20.18 -2.95
N ASP A 462 -4.21 -20.30 -3.33
CA ASP A 462 -3.81 -21.24 -4.39
C ASP A 462 -2.61 -22.04 -3.93
N LYS A 463 -2.84 -23.19 -3.32
CA LYS A 463 -1.73 -24.01 -2.85
C LYS A 463 -1.44 -25.17 -3.81
N GLY A 464 -1.67 -24.93 -5.10
CA GLY A 464 -1.47 -25.92 -6.15
C GLY A 464 -2.69 -26.74 -6.53
N ASP A 465 -3.79 -26.64 -5.79
CA ASP A 465 -5.01 -27.27 -6.29
C ASP A 465 -6.21 -26.31 -6.50
N LEU A 466 -5.96 -25.26 -7.28
CA LEU A 466 -6.98 -24.33 -7.76
C LEU A 466 -6.96 -24.42 -9.27
N PRO A 467 -7.84 -25.22 -9.84
CA PRO A 467 -7.95 -25.25 -11.30
C PRO A 467 -8.24 -23.83 -11.81
N LYS A 468 -7.66 -23.48 -12.95
CA LYS A 468 -7.91 -22.18 -13.55
C LYS A 468 -9.42 -21.85 -13.67
N PRO A 469 -10.25 -22.78 -14.10
CA PRO A 469 -11.67 -22.46 -14.23
C PRO A 469 -12.26 -22.05 -12.88
N VAL A 470 -11.78 -22.64 -11.79
CA VAL A 470 -12.26 -22.29 -10.47
C VAL A 470 -11.73 -20.92 -10.06
N ALA A 471 -10.45 -20.66 -10.38
CA ALA A 471 -9.81 -19.38 -10.08
C ALA A 471 -10.51 -18.24 -10.79
N LEU A 472 -10.98 -18.48 -12.01
CA LEU A 472 -11.66 -17.43 -12.77
C LEU A 472 -13.04 -17.05 -12.22
N GLU A 473 -13.69 -17.96 -11.51
CA GLU A 473 -15.03 -17.71 -11.01
C GLU A 473 -14.90 -17.12 -9.60
N ASP A 474 -14.35 -15.91 -9.52
CA ASP A 474 -14.01 -15.34 -8.22
C ASP A 474 -15.20 -14.62 -7.61
N HIS A 475 -16.22 -15.39 -7.26
CA HIS A 475 -17.43 -14.79 -6.72
C HIS A 475 -17.20 -14.11 -5.38
N THR A 476 -16.39 -14.69 -4.51
CA THR A 476 -16.06 -14.00 -3.28
C THR A 476 -15.49 -12.61 -3.51
N ARG A 477 -14.52 -12.48 -4.42
CA ARG A 477 -13.89 -11.21 -4.75
C ARG A 477 -14.92 -10.24 -5.35
N LEU A 478 -15.78 -10.76 -6.24
CA LEU A 478 -16.75 -9.87 -6.87
C LEU A 478 -17.69 -9.33 -5.77
N ASP A 479 -18.18 -10.21 -4.90
CA ASP A 479 -19.04 -9.78 -3.79
C ASP A 479 -18.30 -8.74 -2.90
N TYR A 480 -17.02 -9.00 -2.63
CA TYR A 480 -16.21 -8.11 -1.80
C TYR A 480 -16.16 -6.71 -2.45
N ILE A 481 -15.87 -6.67 -3.74
CA ILE A 481 -15.79 -5.41 -4.47
C ILE A 481 -17.15 -4.67 -4.51
N GLN A 482 -18.23 -5.41 -4.82
CA GLN A 482 -19.55 -4.79 -4.87
C GLN A 482 -19.92 -4.18 -3.51
N ARG A 483 -19.65 -4.92 -2.44
CA ARG A 483 -20.00 -4.46 -1.10
C ARG A 483 -19.17 -3.27 -0.64
N HIS A 484 -17.89 -3.20 -1.01
CA HIS A 484 -17.10 -2.03 -0.64
C HIS A 484 -17.52 -0.83 -1.48
N LEU A 485 -17.83 -1.05 -2.74
CA LEU A 485 -18.36 0.05 -3.56
C LEU A 485 -19.70 0.57 -3.03
N SER A 486 -20.55 -0.31 -2.51
CA SER A 486 -21.81 0.12 -1.94
C SER A 486 -21.59 0.99 -0.67
N VAL A 487 -20.66 0.56 0.19
CA VAL A 487 -20.33 1.38 1.34
C VAL A 487 -19.68 2.69 0.92
N LEU A 488 -18.83 2.65 -0.11
CA LEU A 488 -18.18 3.85 -0.57
C LEU A 488 -19.21 4.89 -1.09
N LYS A 489 -20.22 4.41 -1.81
CA LYS A 489 -21.34 5.26 -2.21
C LYS A 489 -22.00 5.94 -0.99
N GLN A 490 -22.28 5.18 0.08
CA GLN A 490 -22.85 5.75 1.31
C GLN A 490 -21.94 6.83 1.93
N SER A 491 -20.62 6.59 1.95
CA SER A 491 -19.65 7.59 2.42
C SER A 491 -19.62 8.88 1.59
N ILE A 492 -19.59 8.73 0.28
CA ILE A 492 -19.60 9.89 -0.59
C ILE A 492 -20.91 10.69 -0.44
N ASP A 493 -22.01 9.98 -0.30
CA ASP A 493 -23.32 10.65 -0.08
C ASP A 493 -23.32 11.37 1.27
N LEU A 494 -22.53 10.89 2.22
CA LEU A 494 -22.47 11.50 3.55
C LEU A 494 -21.39 12.60 3.55
N GLY A 495 -20.84 12.92 2.38
CA GLY A 495 -19.94 14.06 2.22
C GLY A 495 -18.43 13.83 2.20
N ALA A 496 -17.98 12.58 2.40
CA ALA A 496 -16.54 12.31 2.25
C ALA A 496 -16.08 12.63 0.85
N ASP A 497 -14.95 13.31 0.73
CA ASP A 497 -14.45 13.72 -0.57
C ASP A 497 -13.64 12.61 -1.27
N VAL A 498 -14.25 11.46 -1.57
CA VAL A 498 -13.50 10.43 -2.31
C VAL A 498 -13.69 10.56 -3.81
N ARG A 499 -12.60 10.51 -4.59
CA ARG A 499 -12.68 10.78 -6.02
C ARG A 499 -12.31 9.60 -6.92
N GLY A 500 -12.04 8.44 -6.33
CA GLY A 500 -11.78 7.29 -7.19
C GLY A 500 -11.57 6.05 -6.36
N TYR A 501 -11.52 4.91 -7.07
CA TYR A 501 -11.41 3.60 -6.45
C TYR A 501 -10.49 2.75 -7.32
N PHE A 502 -9.47 2.15 -6.69
CA PHE A 502 -8.55 1.25 -7.38
C PHE A 502 -8.55 -0.15 -6.73
N ALA A 503 -8.88 -1.16 -7.54
CA ALA A 503 -8.85 -2.53 -7.04
C ALA A 503 -7.41 -2.97 -6.88
N TRP A 504 -7.09 -3.60 -5.76
CA TRP A 504 -5.86 -4.35 -5.61
C TRP A 504 -6.18 -5.82 -5.85
N SER A 505 -5.66 -6.45 -6.92
CA SER A 505 -4.70 -5.92 -7.87
C SER A 505 -5.22 -6.07 -9.30
N LEU A 506 -4.66 -5.34 -10.25
CA LEU A 506 -4.91 -5.64 -11.66
C LEU A 506 -4.59 -7.12 -11.93
N LEU A 507 -3.48 -7.59 -11.37
CA LEU A 507 -2.90 -8.92 -11.67
C LEU A 507 -2.63 -9.79 -10.47
N ASP A 508 -2.85 -11.10 -10.59
CA ASP A 508 -2.29 -12.00 -9.61
C ASP A 508 -0.78 -11.70 -9.60
N ASN A 509 -0.17 -11.71 -8.41
CA ASN A 509 1.21 -11.28 -8.30
C ASN A 509 1.91 -11.86 -7.10
N PHE A 510 3.15 -11.42 -6.85
CA PHE A 510 3.94 -11.97 -5.76
C PHE A 510 3.46 -11.30 -4.48
N GLU A 511 2.78 -12.07 -3.63
CA GLU A 511 2.22 -11.51 -2.40
C GLU A 511 3.21 -11.69 -1.24
N TRP A 512 4.37 -11.09 -1.43
CA TRP A 512 5.37 -11.03 -0.37
C TRP A 512 5.63 -12.37 0.32
N SER A 513 5.59 -12.38 1.64
CA SER A 513 5.95 -13.59 2.35
C SER A 513 5.00 -14.74 2.06
N SER A 514 3.86 -14.45 1.40
CA SER A 514 2.91 -15.52 1.09
C SER A 514 3.20 -16.08 -0.28
N GLY A 515 4.12 -15.44 -0.99
CA GLY A 515 4.53 -15.86 -2.33
C GLY A 515 3.35 -15.91 -3.31
N TYR A 516 3.20 -17.03 -4.04
CA TYR A 516 2.10 -17.12 -5.00
C TYR A 516 0.93 -17.87 -4.41
N THR A 517 0.90 -18.06 -3.09
CA THR A 517 -0.22 -18.79 -2.52
C THR A 517 -1.50 -17.94 -2.38
N GLU A 518 -1.42 -16.64 -2.66
CA GLU A 518 -2.60 -15.77 -2.57
C GLU A 518 -2.66 -15.02 -3.87
N ARG A 519 -3.80 -15.14 -4.54
CA ARG A 519 -4.07 -14.46 -5.79
C ARG A 519 -5.05 -13.33 -5.51
N PHE A 520 -4.61 -12.09 -5.70
CA PHE A 520 -5.42 -10.87 -5.42
C PHE A 520 -5.91 -10.23 -6.72
N GLY A 521 -5.58 -10.83 -7.87
CA GLY A 521 -5.88 -10.16 -9.13
C GLY A 521 -7.33 -10.17 -9.55
N ILE A 522 -7.78 -9.12 -10.25
CA ILE A 522 -9.02 -9.23 -11.03
C ILE A 522 -8.71 -9.91 -12.40
N VAL A 523 -7.44 -10.02 -12.74
CA VAL A 523 -7.01 -10.73 -13.96
C VAL A 523 -6.08 -11.87 -13.50
N TYR A 524 -6.37 -13.08 -13.99
CA TYR A 524 -5.64 -14.29 -13.65
C TYR A 524 -4.34 -14.27 -14.42
N VAL A 525 -3.24 -14.66 -13.77
CA VAL A 525 -1.93 -14.73 -14.43
C VAL A 525 -1.51 -16.21 -14.38
N ASP A 526 -1.44 -16.86 -15.54
CA ASP A 526 -1.28 -18.32 -15.57
C ASP A 526 0.21 -18.68 -15.55
N ARG A 527 0.71 -19.13 -14.41
CA ARG A 527 2.14 -19.46 -14.28
C ARG A 527 2.55 -20.69 -15.15
N GLU A 528 1.61 -21.62 -15.35
CA GLU A 528 1.83 -22.78 -16.21
C GLU A 528 1.67 -22.44 -17.73
N ASN A 529 1.27 -21.21 -18.06
CA ASN A 529 1.10 -20.80 -19.47
C ASN A 529 1.73 -19.45 -19.83
N GLY A 530 2.98 -19.28 -19.44
CA GLY A 530 3.73 -18.08 -19.84
C GLY A 530 3.22 -16.78 -19.20
N CYS A 531 2.58 -16.89 -18.05
CA CYS A 531 2.02 -15.68 -17.40
C CYS A 531 0.93 -15.03 -18.29
N GLU A 532 0.26 -15.83 -19.11
CA GLU A 532 -0.86 -15.32 -19.91
C GLU A 532 -1.97 -14.76 -18.99
N ARG A 533 -2.59 -13.66 -19.41
CA ARG A 533 -3.65 -13.00 -18.62
C ARG A 533 -5.04 -13.39 -19.07
N THR A 534 -5.92 -13.66 -18.11
CA THR A 534 -7.33 -13.90 -18.38
C THR A 534 -8.18 -13.14 -17.36
N MET A 535 -9.07 -12.28 -17.84
CA MET A 535 -10.04 -11.62 -16.96
C MET A 535 -10.80 -12.63 -16.13
N LYS A 536 -10.88 -12.40 -14.82
CA LYS A 536 -11.78 -13.20 -13.99
C LYS A 536 -13.20 -12.59 -14.08
N ARG A 537 -14.14 -13.23 -13.43
CA ARG A 537 -15.52 -12.77 -13.42
C ARG A 537 -15.59 -11.36 -12.81
N SER A 538 -14.77 -11.11 -11.79
CA SER A 538 -14.71 -9.77 -11.20
C SER A 538 -14.32 -8.74 -12.26
N ALA A 539 -13.29 -9.04 -13.06
CA ALA A 539 -12.91 -8.13 -14.14
C ALA A 539 -14.01 -7.95 -15.18
N ARG A 540 -14.73 -9.03 -15.48
CA ARG A 540 -15.86 -8.96 -16.41
C ARG A 540 -17.02 -8.10 -15.85
N TRP A 541 -17.31 -8.26 -14.58
CA TRP A 541 -18.28 -7.37 -13.92
C TRP A 541 -17.83 -5.92 -14.02
N LEU A 542 -16.55 -5.67 -13.71
CA LEU A 542 -16.03 -4.31 -13.76
C LEU A 542 -16.12 -3.72 -15.18
N GLN A 543 -15.81 -4.55 -16.19
CA GLN A 543 -15.98 -4.16 -17.57
C GLN A 543 -17.42 -3.75 -17.91
N GLU A 544 -18.43 -4.52 -17.46
CA GLU A 544 -19.84 -4.16 -17.69
C GLU A 544 -20.18 -2.85 -16.95
N PHE A 545 -19.74 -2.78 -15.71
CA PHE A 545 -19.95 -1.60 -14.84
C PHE A 545 -19.40 -0.34 -15.50
N ASN A 546 -18.17 -0.39 -16.02
CA ASN A 546 -17.57 0.75 -16.68
C ASN A 546 -18.19 1.03 -18.06
N GLY A 547 -19.16 0.21 -18.46
CA GLY A 547 -19.82 0.37 -19.75
C GLY A 547 -18.96 0.07 -20.98
N ALA A 548 -18.03 -0.89 -20.87
CA ALA A 548 -17.00 -1.11 -21.90
C ALA A 548 -17.03 -2.46 -22.66
C2 BGC B . 0.27 -3.63 -0.17
C3 BGC B . 0.31 -4.61 -1.36
C4 BGC B . -0.17 -5.99 -0.93
C5 BGC B . -1.65 -5.78 -0.60
C6 BGC B . -2.43 -7.04 -0.23
C1 BGC B . -0.76 -4.02 0.90
O1 BGC B . -0.15 -4.85 1.89
O2 BGC B . 0.02 -2.33 -0.69
O3 BGC B . 1.64 -4.68 -1.82
O4 BGC B . 0.00 -6.90 -2.05
O5 BGC B . -1.86 -4.76 0.42
O6 BGC B . -1.90 -7.60 0.95
N CCN C . -2.01 -3.74 4.47
C1 CCN C . -1.48 -4.51 3.80
C2 CCN C . -0.85 -5.52 2.92
C1 IPH D . 1.97 -8.20 4.92
C2 IPH D . 1.72 -8.27 3.57
C3 IPH D . 0.82 -7.38 2.98
C4 IPH D . 0.18 -6.42 3.74
C5 IPH D . 0.41 -6.37 5.11
C6 IPH D . 1.32 -7.24 5.69
O1 IPH D . 2.83 -9.04 5.50
#